data_6M33
#
_entry.id   6M33
#
_cell.length_a   69.466
_cell.length_b   69.466
_cell.length_c   118.186
_cell.angle_alpha   90.000
_cell.angle_beta   90.000
_cell.angle_gamma   120.000
#
_symmetry.space_group_name_H-M   'P 32 2 1'
#
loop_
_entity.id
_entity.type
_entity.pdbx_description
1 polymer 'Gamma-tubulin complex component 6'
2 polymer 'Mitotic-spindle organizing protein 1'
#
loop_
_entity_poly.entity_id
_entity_poly.type
_entity_poly.pdbx_seq_one_letter_code
_entity_poly.pdbx_strand_id
1 'polypeptide(L)'
;GPLGSMASITQLFDDLCEALLPAAKTHLGQRSVNRKRAKRSLKKVAYNALFTNLFQDETQQLQPDMSKLPARNKILMLSF
DLRVGGLGPKADRLEELVEELEAAPCCPLLEVGSVLDLLVQLAG
;
A
2 'polypeptide(L)'
;GPHMASSSGAGAAAAAAAANLNAVRETMDVLLEISRILNTGLDMETLSICVRLCEQGINPEALSSVIKELRKATEALKAA
ENMTS
;
B
#
# COMPACT_ATOMS: atom_id res chain seq x y z
N SER A 5 21.86 -2.02 0.88
CA SER A 5 21.23 -0.73 0.59
C SER A 5 19.73 -0.82 0.84
N MET A 6 18.97 -1.14 -0.20
CA MET A 6 17.57 -1.41 0.06
C MET A 6 17.41 -2.71 0.85
N ALA A 7 16.39 -2.73 1.69
CA ALA A 7 16.22 -3.80 2.67
C ALA A 7 15.74 -5.08 2.02
N SER A 8 16.27 -6.20 2.53
CA SER A 8 15.78 -7.52 2.15
C SER A 8 14.27 -7.61 2.32
N ILE A 9 13.60 -8.18 1.32
CA ILE A 9 12.14 -8.15 1.37
C ILE A 9 11.59 -8.98 2.51
N THR A 10 12.42 -9.87 3.06
CA THR A 10 12.20 -10.42 4.40
C THR A 10 11.91 -9.32 5.40
N GLN A 11 12.89 -8.44 5.58
CA GLN A 11 12.74 -7.41 6.61
C GLN A 11 11.64 -6.43 6.27
N LEU A 12 11.31 -6.27 4.99
CA LEU A 12 10.16 -5.47 4.62
C LEU A 12 8.87 -6.08 5.15
N PHE A 13 8.64 -7.36 4.86
CA PHE A 13 7.51 -8.07 5.47
C PHE A 13 7.56 -8.03 6.99
N ASP A 14 8.75 -8.22 7.58
CA ASP A 14 8.86 -8.06 9.03
C ASP A 14 8.35 -6.70 9.46
N ASP A 15 8.73 -5.65 8.73
CA ASP A 15 8.36 -4.30 9.14
C ASP A 15 6.87 -4.08 8.97
N LEU A 16 6.30 -4.64 7.91
CA LEU A 16 4.88 -4.50 7.66
C LEU A 16 4.04 -5.22 8.70
N CYS A 17 4.44 -6.43 9.08
CA CYS A 17 3.77 -7.14 10.17
C CYS A 17 3.79 -6.30 11.43
N GLU A 18 4.98 -5.86 11.83
CA GLU A 18 5.12 -4.94 12.95
C GLU A 18 4.34 -3.66 12.73
N ALA A 19 4.26 -3.19 11.48
CA ALA A 19 3.55 -1.96 11.14
C ALA A 19 2.07 -2.03 11.48
N LEU A 20 1.49 -3.23 11.47
CA LEU A 20 0.10 -3.39 11.90
C LEU A 20 -0.01 -4.51 12.91
N LEU A 21 1.06 -4.75 13.63
CA LEU A 21 0.97 -5.56 14.83
C LEU A 21 0.04 -4.86 15.82
N PRO A 22 -0.98 -5.54 16.35
CA PRO A 22 -1.84 -4.92 17.37
C PRO A 22 -1.18 -4.92 18.75
N ALA A 23 -1.23 -3.76 19.41
CA ALA A 23 -0.72 -3.53 20.78
C ALA A 23 0.42 -4.46 21.24
N ARG A 31 9.36 -7.14 27.05
CA ARG A 31 9.24 -8.46 26.43
C ARG A 31 7.77 -8.92 26.50
N SER A 32 7.45 -10.03 25.83
CA SER A 32 6.13 -10.63 25.88
C SER A 32 6.25 -12.06 25.34
N VAL A 33 5.13 -12.78 25.32
CA VAL A 33 5.07 -14.13 24.77
C VAL A 33 3.94 -14.21 23.77
N ASN A 34 2.73 -13.87 24.20
CA ASN A 34 1.62 -13.84 23.27
C ASN A 34 1.87 -12.82 22.16
N ARG A 35 2.54 -11.71 22.46
CA ARG A 35 2.90 -10.75 21.42
C ARG A 35 3.89 -11.35 20.45
N LYS A 36 4.83 -12.15 20.97
CA LYS A 36 5.88 -12.68 20.11
C LYS A 36 5.39 -13.85 19.27
N ARG A 37 4.61 -14.75 19.89
CA ARG A 37 4.02 -15.84 19.12
C ARG A 37 3.03 -15.31 18.08
N ALA A 38 2.42 -14.16 18.37
CA ALA A 38 1.54 -13.52 17.39
C ALA A 38 2.32 -13.06 16.16
N LYS A 39 3.36 -12.25 16.36
CA LYS A 39 4.22 -11.81 15.27
C LYS A 39 4.60 -12.98 14.35
N ARG A 40 5.09 -14.08 14.93
CA ARG A 40 5.45 -15.26 14.14
C ARG A 40 4.26 -15.75 13.31
N SER A 41 3.06 -15.75 13.89
CA SER A 41 1.89 -16.15 13.13
C SER A 41 1.47 -15.06 12.15
N LEU A 42 1.65 -13.78 12.52
CA LEU A 42 1.39 -12.73 11.55
C LEU A 42 2.26 -12.92 10.32
N LYS A 43 3.54 -13.20 10.52
CA LYS A 43 4.41 -13.51 9.38
C LYS A 43 3.90 -14.73 8.63
N LYS A 44 3.44 -15.75 9.36
CA LYS A 44 3.00 -16.99 8.73
C LYS A 44 1.74 -16.77 7.90
N VAL A 45 0.84 -15.88 8.34
CA VAL A 45 -0.27 -15.55 7.45
C VAL A 45 0.26 -14.74 6.27
N ALA A 46 1.24 -13.87 6.51
CA ALA A 46 1.71 -13.00 5.43
C ALA A 46 2.37 -13.82 4.34
N TYR A 47 3.32 -14.68 4.70
CA TYR A 47 4.07 -15.42 3.70
C TYR A 47 3.17 -16.42 2.99
N ASN A 48 2.47 -17.26 3.76
CA ASN A 48 1.64 -18.28 3.14
C ASN A 48 0.59 -17.67 2.24
N ALA A 49 0.17 -16.44 2.53
CA ALA A 49 -0.85 -15.81 1.71
C ALA A 49 -0.26 -15.32 0.41
N LEU A 50 0.92 -14.71 0.48
CA LEU A 50 1.65 -14.41 -0.73
C LEU A 50 1.83 -15.68 -1.55
N PHE A 51 2.21 -16.75 -0.89
CA PHE A 51 2.64 -17.95 -1.59
C PHE A 51 1.48 -18.63 -2.29
N THR A 52 0.32 -18.66 -1.66
CA THR A 52 -0.83 -19.25 -2.34
C THR A 52 -1.22 -18.39 -3.53
N ASN A 53 -1.45 -17.10 -3.30
CA ASN A 53 -1.96 -16.21 -4.34
C ASN A 53 -1.08 -16.26 -5.58
N LEU A 54 0.22 -16.46 -5.44
CA LEU A 54 1.02 -16.41 -6.65
C LEU A 54 1.25 -17.80 -7.24
N PHE A 55 0.44 -18.81 -6.88
CA PHE A 55 0.61 -20.11 -7.54
C PHE A 55 -0.63 -20.54 -8.29
N GLN A 56 -1.81 -20.25 -7.76
CA GLN A 56 -3.09 -20.39 -8.46
C GLN A 56 -4.15 -19.70 -7.62
N ALA A 71 -5.24 -0.72 -16.38
CA ALA A 71 -4.59 -0.27 -15.15
C ALA A 71 -5.32 0.94 -14.54
N ARG A 72 -5.23 2.07 -15.23
CA ARG A 72 -5.92 3.28 -14.81
C ARG A 72 -7.42 3.21 -15.09
N ASN A 73 -7.84 2.32 -16.00
CA ASN A 73 -9.26 2.01 -16.19
C ASN A 73 -9.98 1.89 -14.86
N LYS A 74 -9.44 1.03 -13.99
CA LYS A 74 -10.04 0.81 -12.69
C LYS A 74 -10.18 2.11 -11.90
N ILE A 75 -9.12 2.90 -11.83
CA ILE A 75 -9.15 4.05 -10.94
C ILE A 75 -10.04 5.17 -11.48
N LEU A 76 -10.31 5.20 -12.80
CA LEU A 76 -11.30 6.16 -13.26
C LEU A 76 -12.69 5.69 -12.93
N MET A 77 -12.91 4.38 -12.98
CA MET A 77 -14.23 3.85 -12.64
C MET A 77 -14.54 4.06 -11.18
N LEU A 78 -13.53 4.03 -10.31
CA LEU A 78 -13.76 4.42 -8.92
C LEU A 78 -14.18 5.88 -8.81
N SER A 79 -13.44 6.79 -9.44
CA SER A 79 -13.81 8.20 -9.35
C SER A 79 -15.24 8.40 -9.85
N PHE A 80 -15.68 7.57 -10.80
CA PHE A 80 -17.06 7.62 -11.25
C PHE A 80 -18.03 7.27 -10.14
N ASP A 81 -17.68 6.28 -9.32
CA ASP A 81 -18.62 5.80 -8.30
C ASP A 81 -18.81 6.82 -7.19
N LEU A 82 -17.73 7.48 -6.75
CA LEU A 82 -17.93 8.59 -5.82
C LEU A 82 -18.84 9.63 -6.42
N ARG A 83 -18.72 9.86 -7.72
CA ARG A 83 -19.64 10.79 -8.36
C ARG A 83 -21.05 10.28 -8.25
N VAL A 84 -21.25 8.99 -8.47
CA VAL A 84 -22.59 8.44 -8.29
C VAL A 84 -22.88 8.26 -6.81
N GLY A 85 -21.84 8.14 -5.98
CA GLY A 85 -21.99 8.22 -4.54
C GLY A 85 -22.44 9.58 -4.01
N GLY A 86 -22.61 10.57 -4.88
CA GLY A 86 -22.79 11.93 -4.43
C GLY A 86 -21.51 12.69 -4.20
N LEU A 87 -20.41 11.99 -3.84
CA LEU A 87 -19.11 12.58 -3.53
C LEU A 87 -18.50 13.21 -4.79
N GLY A 88 -18.99 14.38 -5.13
CA GLY A 88 -18.43 15.14 -6.22
C GLY A 88 -17.04 15.66 -5.91
N PRO A 89 -16.92 16.49 -4.84
CA PRO A 89 -15.62 17.09 -4.48
C PRO A 89 -14.44 16.13 -4.58
N LYS A 90 -14.52 14.95 -3.97
CA LYS A 90 -13.38 14.05 -3.99
C LYS A 90 -13.12 13.49 -5.38
N ALA A 91 -14.16 12.94 -6.04
CA ALA A 91 -14.02 12.46 -7.40
C ALA A 91 -13.32 13.49 -8.28
N ASP A 92 -13.57 14.79 -8.03
CA ASP A 92 -12.80 15.85 -8.67
C ASP A 92 -11.34 15.75 -8.28
N ARG A 93 -11.06 15.84 -6.97
CA ARG A 93 -9.68 15.79 -6.49
C ARG A 93 -8.94 14.57 -7.03
N LEU A 94 -9.53 13.38 -6.89
CA LEU A 94 -8.86 12.12 -7.20
C LEU A 94 -8.36 12.07 -8.65
N GLU A 95 -9.19 12.47 -9.61
CA GLU A 95 -8.74 12.37 -10.99
C GLU A 95 -7.70 13.43 -11.30
N GLU A 96 -7.75 14.54 -10.56
CA GLU A 96 -6.65 15.51 -10.59
C GLU A 96 -5.35 14.87 -10.11
N LEU A 97 -5.39 14.05 -9.06
CA LEU A 97 -4.14 13.49 -8.55
C LEU A 97 -3.55 12.42 -9.48
N VAL A 98 -4.39 11.63 -10.14
CA VAL A 98 -3.83 10.60 -11.03
C VAL A 98 -3.45 11.20 -12.37
N GLU A 99 -3.97 12.37 -12.70
CA GLU A 99 -3.43 13.11 -13.83
C GLU A 99 -2.12 13.80 -13.46
N GLU A 100 -2.04 14.35 -12.23
CA GLU A 100 -0.86 15.06 -11.77
C GLU A 100 0.30 14.11 -11.46
N LEU A 101 0.02 12.86 -11.13
CA LEU A 101 1.10 11.90 -10.91
C LEU A 101 1.85 11.62 -12.20
N GLU A 102 1.14 11.28 -13.27
CA GLU A 102 1.78 10.87 -14.50
C GLU A 102 2.13 12.01 -15.42
N ALA A 103 1.71 13.23 -15.10
CA ALA A 103 2.21 14.40 -15.81
C ALA A 103 3.69 14.64 -15.54
N ALA A 104 4.27 13.95 -14.53
CA ALA A 104 5.69 13.97 -14.17
C ALA A 104 6.45 12.87 -14.89
N PRO A 105 7.55 13.19 -15.58
CA PRO A 105 8.42 12.22 -16.24
C PRO A 105 9.07 11.22 -15.27
N LEU A 109 9.07 9.25 -10.88
CA LEU A 109 10.37 8.95 -11.46
C LEU A 109 10.81 7.52 -11.14
N LEU A 110 9.92 6.79 -10.47
CA LEU A 110 10.22 5.42 -10.06
C LEU A 110 8.95 4.61 -9.77
N VAL A 112 5.17 3.03 -10.97
CA VAL A 112 4.17 3.18 -9.90
C VAL A 112 2.76 2.80 -10.38
N GLY A 113 2.68 2.24 -11.57
CA GLY A 113 1.47 1.51 -11.92
C GLY A 113 1.17 0.46 -10.87
N SER A 114 2.22 -0.14 -10.29
CA SER A 114 2.03 -1.23 -9.34
C SER A 114 1.48 -0.73 -8.02
N VAL A 115 1.93 0.43 -7.53
CA VAL A 115 1.37 0.92 -6.27
C VAL A 115 -0.10 1.28 -6.45
N LEU A 116 -0.46 1.91 -7.57
CA LEU A 116 -1.86 2.21 -7.84
C LEU A 116 -2.68 0.92 -7.89
N ASP A 117 -2.29 0.01 -8.77
CA ASP A 117 -2.78 -1.36 -8.79
C ASP A 117 -3.05 -1.86 -7.37
N LEU A 118 -2.08 -1.73 -6.46
CA LEU A 118 -2.33 -2.12 -5.08
C LEU A 118 -3.36 -1.22 -4.43
N LEU A 119 -3.21 0.11 -4.55
CA LEU A 119 -4.18 1.00 -3.94
C LEU A 119 -5.58 0.74 -4.46
N VAL A 120 -5.74 0.71 -5.79
CA VAL A 120 -7.03 0.34 -6.36
C VAL A 120 -7.46 -1.04 -5.92
N GLN A 121 -6.50 -1.91 -5.63
CA GLN A 121 -6.86 -3.19 -5.05
C GLN A 121 -7.47 -3.04 -3.67
N LEU A 122 -6.94 -2.14 -2.85
CA LEU A 122 -7.39 -2.04 -1.48
C LEU A 122 -8.50 -1.04 -1.29
N ALA A 123 -9.18 -0.66 -2.36
CA ALA A 123 -10.22 0.36 -2.30
C ALA A 123 -11.44 -0.16 -1.55
N ALA B 14 24.82 16.17 -8.13
CA ALA B 14 24.80 17.49 -7.51
C ALA B 14 23.39 17.82 -7.00
N ALA B 15 22.86 18.97 -7.43
CA ALA B 15 21.57 19.45 -6.93
C ALA B 15 20.43 18.48 -7.26
N ALA B 16 20.56 17.71 -8.34
CA ALA B 16 19.53 16.75 -8.70
C ALA B 16 19.56 15.52 -7.79
N ALA B 17 20.69 15.24 -7.13
CA ALA B 17 20.74 14.15 -6.17
C ALA B 17 19.76 14.36 -5.03
N ALA B 18 19.72 15.58 -4.49
CA ALA B 18 18.78 15.94 -3.43
C ALA B 18 17.41 16.33 -3.97
N ALA B 19 17.39 17.01 -5.12
CA ALA B 19 16.12 17.32 -5.78
C ALA B 19 15.32 16.07 -6.10
N ASN B 20 15.98 14.91 -6.20
CA ASN B 20 15.25 13.66 -6.28
C ASN B 20 14.52 13.35 -4.99
N LEU B 21 15.18 13.56 -3.84
CA LEU B 21 14.59 13.23 -2.55
C LEU B 21 13.33 14.06 -2.28
N ASN B 22 13.30 15.30 -2.80
CA ASN B 22 12.13 16.15 -2.59
C ASN B 22 10.95 15.70 -3.45
N ALA B 23 11.21 15.36 -4.71
CA ALA B 23 10.15 14.87 -5.58
C ALA B 23 9.48 13.65 -4.99
N VAL B 24 10.27 12.64 -4.58
CA VAL B 24 9.68 11.43 -4.03
C VAL B 24 9.00 11.71 -2.70
N ARG B 25 9.47 12.70 -1.94
CA ARG B 25 8.72 13.10 -0.76
C ARG B 25 7.38 13.72 -1.14
N GLU B 26 7.42 14.83 -1.88
CA GLU B 26 6.19 15.47 -2.35
C GLU B 26 5.26 14.45 -2.99
N THR B 27 5.81 13.61 -3.87
CA THR B 27 4.94 12.68 -4.58
C THR B 27 4.50 11.51 -3.70
N MET B 28 5.26 11.20 -2.66
CA MET B 28 4.77 10.22 -1.69
C MET B 28 3.60 10.79 -0.91
N ASP B 29 3.65 12.09 -0.63
CA ASP B 29 2.54 12.76 0.05
C ASP B 29 1.26 12.70 -0.77
N VAL B 30 1.37 12.83 -2.10
CA VAL B 30 0.14 12.98 -2.88
C VAL B 30 -0.54 11.63 -3.09
N LEU B 31 0.19 10.56 -3.35
CA LEU B 31 -0.57 9.34 -3.55
C LEU B 31 -0.88 8.64 -2.24
N LEU B 32 -0.24 9.06 -1.15
CA LEU B 32 -0.78 8.76 0.17
C LEU B 32 -2.19 9.33 0.27
N GLU B 33 -2.31 10.62 -0.04
CA GLU B 33 -3.59 11.31 -0.07
C GLU B 33 -4.62 10.56 -0.91
N ILE B 34 -4.22 10.04 -2.07
CA ILE B 34 -5.22 9.30 -2.84
C ILE B 34 -5.49 7.96 -2.16
N SER B 35 -4.49 7.36 -1.52
CA SER B 35 -4.76 6.16 -0.73
C SER B 35 -5.80 6.44 0.33
N ARG B 36 -5.68 7.60 0.99
CA ARG B 36 -6.69 7.96 1.98
C ARG B 36 -8.05 8.12 1.33
N ILE B 37 -8.10 8.78 0.16
CA ILE B 37 -9.37 8.97 -0.54
C ILE B 37 -10.05 7.63 -0.80
N LEU B 38 -9.37 6.74 -1.53
CA LEU B 38 -9.90 5.42 -1.88
C LEU B 38 -10.18 4.54 -0.66
N ASN B 39 -9.91 5.04 0.55
CA ASN B 39 -10.16 4.29 1.77
C ASN B 39 -9.50 2.90 1.70
N THR B 40 -8.17 2.94 1.70
CA THR B 40 -7.37 1.71 1.66
C THR B 40 -6.98 1.23 3.04
N GLY B 41 -6.98 2.10 4.03
CA GLY B 41 -6.54 1.76 5.35
C GLY B 41 -5.09 2.07 5.64
N LEU B 42 -4.26 2.15 4.60
CA LEU B 42 -2.83 2.33 4.79
C LEU B 42 -2.51 3.70 5.37
N ASP B 43 -1.75 3.69 6.48
CA ASP B 43 -1.11 4.88 7.01
C ASP B 43 0.25 5.09 6.32
N MET B 44 0.88 6.23 6.62
CA MET B 44 2.10 6.61 5.91
C MET B 44 3.16 5.54 6.04
N GLU B 45 3.50 5.20 7.28
CA GLU B 45 4.49 4.16 7.57
C GLU B 45 4.24 2.93 6.70
N THR B 46 3.09 2.29 6.91
CA THR B 46 2.81 1.06 6.17
C THR B 46 2.85 1.30 4.67
N LEU B 47 2.26 2.42 4.22
CA LEU B 47 2.26 2.71 2.79
C LEU B 47 3.66 2.56 2.22
N SER B 48 4.60 3.30 2.81
CA SER B 48 6.00 3.26 2.36
C SER B 48 6.53 1.82 2.27
N ILE B 49 6.27 1.01 3.29
CA ILE B 49 6.69 -0.39 3.26
C ILE B 49 6.27 -1.01 1.95
N CYS B 50 5.00 -0.78 1.60
CA CYS B 50 4.42 -1.42 0.43
C CYS B 50 5.01 -0.86 -0.85
N VAL B 51 5.39 0.41 -0.82
CA VAL B 51 6.08 0.99 -1.96
C VAL B 51 7.40 0.26 -2.19
N ARG B 52 8.14 0.04 -1.10
CA ARG B 52 9.36 -0.72 -1.21
C ARG B 52 9.09 -2.11 -1.77
N LEU B 53 8.25 -2.89 -1.09
CA LEU B 53 7.90 -4.22 -1.56
C LEU B 53 7.57 -4.23 -3.05
N CYS B 54 6.67 -3.33 -3.47
CA CYS B 54 6.32 -3.20 -4.88
C CYS B 54 7.54 -3.02 -5.75
N GLU B 55 8.39 -2.07 -5.37
CA GLU B 55 9.57 -1.77 -6.20
C GLU B 55 10.57 -2.91 -6.23
N GLN B 56 10.54 -3.80 -5.25
CA GLN B 56 11.39 -4.97 -5.30
C GLN B 56 10.85 -6.05 -6.25
N GLY B 57 9.55 -6.06 -6.51
CA GLY B 57 9.00 -7.02 -7.45
C GLY B 57 7.73 -7.65 -6.92
N ILE B 58 7.35 -7.22 -5.74
CA ILE B 58 6.14 -7.77 -5.15
C ILE B 58 4.97 -7.39 -6.03
N ASN B 59 4.23 -8.41 -6.46
CA ASN B 59 3.05 -8.21 -7.30
C ASN B 59 1.97 -7.48 -6.50
N PRO B 60 1.37 -6.42 -7.06
CA PRO B 60 0.40 -5.64 -6.25
C PRO B 60 -0.82 -6.42 -5.81
N GLU B 61 -1.39 -7.22 -6.72
CA GLU B 61 -2.44 -8.14 -6.33
C GLU B 61 -2.04 -8.96 -5.12
N ALA B 62 -0.93 -9.69 -5.23
CA ALA B 62 -0.48 -10.50 -4.10
C ALA B 62 -0.28 -9.65 -2.85
N LEU B 63 0.27 -8.44 -3.02
CA LEU B 63 0.61 -7.61 -1.87
C LEU B 63 -0.64 -7.08 -1.18
N SER B 64 -1.61 -6.59 -1.94
CA SER B 64 -2.89 -6.27 -1.35
C SER B 64 -3.44 -7.50 -0.61
N SER B 65 -3.59 -8.60 -1.32
CA SER B 65 -4.08 -9.84 -0.75
C SER B 65 -3.40 -10.18 0.58
N VAL B 66 -2.07 -9.99 0.65
CA VAL B 66 -1.43 -10.30 1.92
C VAL B 66 -1.74 -9.22 2.94
N ILE B 67 -2.09 -8.01 2.50
CA ILE B 67 -2.49 -6.99 3.45
C ILE B 67 -3.88 -7.30 4.01
N LYS B 68 -4.82 -7.58 3.12
CA LYS B 68 -6.16 -8.03 3.49
C LYS B 68 -6.12 -9.08 4.59
N GLU B 69 -5.59 -10.26 4.27
CA GLU B 69 -5.63 -11.41 5.18
C GLU B 69 -4.99 -11.11 6.54
N LEU B 70 -3.98 -10.25 6.60
CA LEU B 70 -3.42 -10.06 7.94
C LEU B 70 -4.20 -9.04 8.76
N ARG B 71 -4.75 -7.99 8.12
CA ARG B 71 -5.78 -7.20 8.78
C ARG B 71 -6.81 -8.12 9.41
N LYS B 72 -7.32 -9.03 8.59
CA LYS B 72 -8.26 -10.05 9.02
C LYS B 72 -7.81 -10.74 10.31
N ALA B 73 -6.65 -11.40 10.25
CA ALA B 73 -6.15 -12.10 11.44
C ALA B 73 -5.87 -11.14 12.58
N THR B 74 -5.32 -9.96 12.28
CA THR B 74 -5.12 -8.93 13.30
C THR B 74 -6.40 -8.68 14.05
N GLU B 75 -7.42 -8.22 13.33
CA GLU B 75 -8.76 -8.08 13.88
C GLU B 75 -9.13 -9.31 14.70
N ALA B 76 -9.00 -10.50 14.11
CA ALA B 76 -9.46 -11.70 14.80
C ALA B 76 -8.54 -12.06 15.97
N LEU B 77 -7.22 -11.93 15.80
CA LEU B 77 -6.26 -12.16 16.87
C LEU B 77 -6.40 -11.16 18.00
N LYS B 78 -7.07 -10.04 17.76
CA LYS B 78 -7.23 -9.03 18.79
C LYS B 78 -8.07 -9.54 19.97
N ALA B 79 -9.05 -10.41 19.71
CA ALA B 79 -9.92 -10.92 20.77
C ALA B 79 -9.18 -11.56 21.94
#